data_7WA2
#
_entry.id   7WA2
#
_cell.length_a   54.580
_cell.length_b   58.300
_cell.length_c   67.300
_cell.angle_alpha   90.00
_cell.angle_beta   90.00
_cell.angle_gamma   90.00
#
_symmetry.space_group_name_H-M   'P 21 21 21'
#
loop_
_entity.id
_entity.type
_entity.pdbx_description
1 polymer 'Cationic trypsin'
2 non-polymer 4-methoxybenzenecarboximidamide
3 non-polymer 'DIMETHYL SULFOXIDE'
4 non-polymer 'CALCIUM ION'
5 water water
#
_entity_poly.entity_id   1
_entity_poly.type   'polypeptide(L)'
_entity_poly.pdbx_seq_one_letter_code
;IVGGYTCGANTVPYQVSLNSGYHFCGGSLINSQWVVSAAHCYKSGIQVRLGEDNINVVEGNEQFISASKSIVHPSYNSNT
LNNDIMLIKLKSAASLNSRVASISLPTSCASAGTQCLISGWGNTKSSGTSYPDVLKCLKAPILSDSSCKSAYPGQITSNM
FCAGYLEGGKDSCQGDSGGPVVCSGKLQGIVSWGSGCAQKNKPGVYTKVCNYVSWIKQTIASN
;
_entity_poly.pdbx_strand_id   A
#
loop_
_chem_comp.id
_chem_comp.type
_chem_comp.name
_chem_comp.formula
CA non-polymer 'CALCIUM ION' 'Ca 2'
DMS non-polymer 'DIMETHYL SULFOXIDE' 'C2 H6 O S'
RKX non-polymer 4-methoxybenzenecarboximidamide 'C8 H10 N2 O'
#
# COMPACT_ATOMS: atom_id res chain seq x y z
N ILE A 1 11.08 0.61 -0.40
CA ILE A 1 11.18 1.91 0.31
C ILE A 1 12.64 2.36 0.19
N VAL A 2 12.85 3.52 -0.44
CA VAL A 2 14.17 4.17 -0.53
C VAL A 2 14.25 5.21 0.59
N GLY A 3 15.35 5.18 1.34
CA GLY A 3 15.65 6.21 2.33
C GLY A 3 14.78 6.10 3.56
N GLY A 4 14.29 4.90 3.84
CA GLY A 4 13.43 4.65 5.00
C GLY A 4 14.23 4.06 6.13
N TYR A 5 13.53 3.39 7.02
CA TYR A 5 14.11 2.79 8.22
C TYR A 5 13.45 1.44 8.39
N THR A 6 14.14 0.59 9.12
CA THR A 6 13.60 -0.73 9.50
C THR A 6 12.48 -0.49 10.50
N CYS A 7 11.25 -0.88 10.16
CA CYS A 7 10.06 -0.63 11.00
C CYS A 7 10.21 -1.24 12.39
N GLY A 8 10.72 -2.46 12.41
CA GLY A 8 10.74 -3.32 13.58
C GLY A 8 9.65 -4.36 13.46
N ALA A 9 9.92 -5.54 13.96
CA ALA A 9 9.00 -6.68 13.76
C ALA A 9 7.62 -6.33 14.32
N ASN A 10 6.63 -6.43 13.44
CA ASN A 10 5.18 -6.41 13.75
C ASN A 10 4.79 -5.09 14.36
N THR A 11 5.49 -4.04 13.98
CA THR A 11 5.16 -2.66 14.39
C THR A 11 4.14 -2.05 13.44
N VAL A 12 3.86 -2.74 12.34
CA VAL A 12 2.92 -2.29 11.30
C VAL A 12 1.98 -3.47 11.08
N PRO A 13 1.07 -3.72 12.05
CA PRO A 13 0.38 -5.01 12.11
C PRO A 13 -0.67 -5.26 11.02
N TYR A 14 -1.03 -4.20 10.31
CA TYR A 14 -2.00 -4.22 9.18
C TYR A 14 -1.30 -4.52 7.86
N GLN A 15 0.01 -4.52 7.82
CA GLN A 15 0.75 -4.70 6.57
C GLN A 15 0.64 -6.18 6.18
N VAL A 16 0.28 -6.40 4.96
CA VAL A 16 0.34 -7.77 4.40
C VAL A 16 1.33 -7.83 3.24
N SER A 17 1.80 -9.04 3.04
CA SER A 17 2.57 -9.44 1.85
C SER A 17 1.67 -10.33 0.97
N LEU A 18 1.54 -9.99 -0.32
CA LEU A 18 0.86 -10.83 -1.30
C LEU A 18 1.92 -11.72 -1.92
N ASN A 19 1.66 -13.02 -1.90
CA ASN A 19 2.68 -14.02 -2.24
C ASN A 19 2.13 -14.94 -3.33
N SER A 20 2.82 -15.02 -4.47
CA SER A 20 2.44 -16.00 -5.54
C SER A 20 3.63 -16.90 -5.81
N GLY A 21 4.25 -17.40 -4.76
CA GLY A 21 5.54 -18.11 -4.82
C GLY A 21 6.68 -17.24 -4.38
N TYR A 22 6.37 -15.96 -4.19
CA TYR A 22 7.35 -14.91 -3.87
C TYR A 22 6.52 -13.69 -3.52
N HIS A 23 7.11 -12.76 -2.78
CA HIS A 23 6.44 -11.49 -2.46
C HIS A 23 6.32 -10.69 -3.73
N PHE A 24 5.14 -10.19 -4.06
CA PHE A 24 5.05 -9.33 -5.27
C PHE A 24 4.30 -8.02 -5.00
N CYS A 25 3.64 -7.87 -3.85
CA CYS A 25 2.89 -6.63 -3.59
C CYS A 25 2.60 -6.61 -2.11
N GLY A 26 2.41 -5.41 -1.59
CA GLY A 26 1.82 -5.25 -0.29
C GLY A 26 0.32 -5.10 -0.33
N GLY A 27 -0.22 -4.91 0.85
CA GLY A 27 -1.65 -4.72 1.03
C GLY A 27 -1.88 -4.31 2.44
N SER A 28 -3.13 -4.07 2.77
CA SER A 28 -3.56 -3.69 4.12
C SER A 28 -4.73 -4.53 4.54
N LEU A 29 -4.67 -5.02 5.77
CA LEU A 29 -5.81 -5.75 6.34
C LEU A 29 -6.81 -4.73 6.88
N ILE A 30 -8.03 -4.77 6.38
CA ILE A 30 -9.05 -3.76 6.78
C ILE A 30 -10.15 -4.39 7.63
N ASN A 31 -10.22 -5.71 7.67
CA ASN A 31 -10.99 -6.43 8.71
C ASN A 31 -10.49 -7.86 8.70
N SER A 32 -11.11 -8.75 9.46
CA SER A 32 -10.51 -10.10 9.60
C SER A 32 -10.53 -10.89 8.29
N GLN A 33 -11.27 -10.47 7.28
CA GLN A 33 -11.42 -11.31 6.06
C GLN A 33 -11.08 -10.58 4.76
N TRP A 34 -10.65 -9.34 4.84
CA TRP A 34 -10.50 -8.49 3.65
C TRP A 34 -9.20 -7.71 3.70
N VAL A 35 -8.59 -7.66 2.54
CA VAL A 35 -7.35 -6.92 2.27
C VAL A 35 -7.59 -5.93 1.15
N VAL A 36 -7.03 -4.74 1.33
CA VAL A 36 -7.04 -3.74 0.25
C VAL A 36 -5.64 -3.68 -0.37
N SER A 37 -5.57 -3.65 -1.70
CA SER A 37 -4.28 -3.54 -2.40
C SER A 37 -4.50 -2.67 -3.62
N ALA A 38 -3.48 -2.58 -4.46
CA ALA A 38 -3.57 -1.92 -5.76
C ALA A 38 -4.13 -2.90 -6.79
N ALA A 39 -4.95 -2.35 -7.70
CA ALA A 39 -5.48 -3.09 -8.83
C ALA A 39 -4.33 -3.57 -9.70
N HIS A 40 -3.21 -2.84 -9.77
CA HIS A 40 -2.09 -3.28 -10.61
C HIS A 40 -1.41 -4.50 -9.99
N CYS A 41 -1.73 -4.86 -8.75
CA CYS A 41 -1.23 -6.09 -8.12
C CYS A 41 -2.10 -7.30 -8.44
N TYR A 42 -3.13 -7.17 -9.25
CA TYR A 42 -4.03 -8.29 -9.56
C TYR A 42 -3.23 -9.44 -10.18
N LYS A 43 -3.49 -10.62 -9.64
CA LYS A 43 -3.17 -11.88 -10.31
C LYS A 43 -4.00 -12.98 -9.66
N SER A 44 -4.07 -14.16 -10.26
CA SER A 44 -4.74 -15.30 -9.61
C SER A 44 -3.68 -16.04 -8.78
N GLY A 45 -4.10 -16.83 -7.82
CA GLY A 45 -3.23 -17.69 -7.01
C GLY A 45 -2.51 -16.88 -5.94
N ILE A 46 -3.20 -15.92 -5.36
CA ILE A 46 -2.60 -15.10 -4.27
C ILE A 46 -2.75 -15.84 -2.93
N GLN A 47 -1.65 -15.87 -2.17
CA GLN A 47 -1.65 -16.20 -0.75
C GLN A 47 -1.36 -14.88 -0.01
N VAL A 48 -2.19 -14.54 0.95
CA VAL A 48 -1.98 -13.35 1.79
C VAL A 48 -1.14 -13.81 2.99
N ARG A 49 -0.07 -13.09 3.26
CA ARG A 49 0.80 -13.40 4.40
C ARG A 49 0.72 -12.24 5.39
N LEU A 50 0.15 -12.51 6.55
CA LEU A 50 -0.03 -11.54 7.63
C LEU A 50 1.03 -11.83 8.67
N GLY A 51 1.32 -10.83 9.49
CA GLY A 51 2.24 -11.02 10.63
C GLY A 51 3.68 -11.16 10.23
N GLU A 52 4.02 -10.67 9.05
CA GLU A 52 5.39 -10.81 8.51
C GLU A 52 6.29 -9.71 9.03
N ASP A 53 7.53 -10.07 9.24
CA ASP A 53 8.63 -9.10 9.24
C ASP A 53 9.61 -9.58 8.17
N ASN A 54 10.40 -10.59 8.46
CA ASN A 54 11.31 -11.16 7.48
C ASN A 54 10.48 -12.10 6.59
N ILE A 55 10.29 -11.75 5.32
CA ILE A 55 9.42 -12.53 4.42
C ILE A 55 10.15 -13.79 3.95
N ASN A 56 11.42 -13.98 4.28
CA ASN A 56 12.15 -15.19 3.87
C ASN A 56 12.36 -16.17 5.02
N VAL A 57 11.93 -15.79 6.23
CA VAL A 57 12.15 -16.65 7.42
C VAL A 57 10.82 -16.76 8.19
N VAL A 58 10.48 -17.94 8.63
CA VAL A 58 9.28 -18.14 9.48
C VAL A 58 9.74 -17.76 10.88
N GLU A 59 9.19 -16.67 11.37
CA GLU A 59 9.61 -16.11 12.67
C GLU A 59 8.59 -16.47 13.73
N GLY A 60 7.35 -16.81 13.39
CA GLY A 60 6.42 -17.31 14.41
C GLY A 60 5.12 -16.54 14.55
N ASN A 61 4.99 -15.38 13.96
CA ASN A 61 3.73 -14.61 14.10
C ASN A 61 2.93 -14.62 12.80
N GLU A 62 3.41 -15.35 11.79
CA GLU A 62 2.74 -15.35 10.45
C GLU A 62 1.40 -16.08 10.49
N GLN A 63 0.50 -15.59 9.67
CA GLN A 63 -0.69 -16.31 9.18
C GLN A 63 -0.65 -16.27 7.66
N PHE A 64 -0.76 -17.44 7.05
CA PHE A 64 -0.77 -17.59 5.59
C PHE A 64 -2.17 -18.06 5.22
N ILE A 65 -2.88 -17.24 4.46
CA ILE A 65 -4.30 -17.47 4.14
C ILE A 65 -4.51 -17.18 2.65
N SER A 66 -5.04 -18.14 1.93
CA SER A 66 -5.29 -18.00 0.49
C SER A 66 -6.43 -17.03 0.27
N ALA A 67 -6.39 -16.34 -0.84
CA ALA A 67 -7.49 -15.47 -1.31
C ALA A 67 -8.59 -16.38 -1.85
N SER A 68 -9.86 -16.04 -1.58
CA SER A 68 -11.00 -16.72 -2.21
C SER A 68 -11.51 -15.95 -3.39
N LYS A 69 -11.35 -14.65 -3.35
CA LYS A 69 -11.93 -13.81 -4.41
C LYS A 69 -11.12 -12.53 -4.46
N SER A 70 -10.90 -12.00 -5.64
CA SER A 70 -10.30 -10.67 -5.84
C SER A 70 -11.32 -9.84 -6.60
N ILE A 71 -11.46 -8.60 -6.23
CA ILE A 71 -12.35 -7.64 -6.90
C ILE A 71 -11.50 -6.42 -7.24
N VAL A 72 -11.22 -6.26 -8.52
CA VAL A 72 -10.58 -5.03 -9.02
C VAL A 72 -11.66 -3.97 -9.17
N HIS A 73 -11.32 -2.73 -8.83
CA HIS A 73 -12.27 -1.62 -8.96
C HIS A 73 -12.88 -1.64 -10.36
N PRO A 74 -14.20 -1.47 -10.48
CA PRO A 74 -14.84 -1.57 -11.79
C PRO A 74 -14.29 -0.60 -12.81
N SER A 75 -13.72 0.52 -12.36
CA SER A 75 -13.26 1.60 -13.26
C SER A 75 -11.75 1.66 -13.33
N TYR A 76 -11.04 0.66 -12.85
CA TYR A 76 -9.57 0.65 -12.96
C TYR A 76 -9.17 0.78 -14.42
N ASN A 77 -8.25 1.69 -14.68
CA ASN A 77 -7.65 1.87 -16.01
C ASN A 77 -6.16 1.58 -15.86
N SER A 78 -5.69 0.49 -16.43
CA SER A 78 -4.28 0.07 -16.31
C SER A 78 -3.35 1.02 -17.06
N ASN A 79 -3.85 1.83 -17.99
CA ASN A 79 -2.96 2.77 -18.72
C ASN A 79 -2.67 3.98 -17.86
N THR A 80 -3.68 4.52 -17.17
CA THR A 80 -3.59 5.77 -16.41
C THR A 80 -3.34 5.50 -14.93
N LEU A 81 -3.62 4.27 -14.53
CA LEU A 81 -3.70 3.81 -13.12
C LEU A 81 -4.73 4.61 -12.33
N ASN A 82 -5.72 5.17 -12.98
CA ASN A 82 -6.87 5.74 -12.26
C ASN A 82 -7.64 4.57 -11.60
N ASN A 83 -8.07 4.77 -10.37
CA ASN A 83 -8.85 3.77 -9.62
C ASN A 83 -8.01 2.52 -9.41
N ASP A 84 -6.78 2.72 -8.97
CA ASP A 84 -5.80 1.65 -8.69
C ASP A 84 -6.07 1.08 -7.29
N ILE A 85 -7.12 0.28 -7.20
CA ILE A 85 -7.52 -0.30 -5.91
C ILE A 85 -8.23 -1.61 -6.19
N MET A 86 -7.97 -2.56 -5.31
CA MET A 86 -8.51 -3.93 -5.39
C MET A 86 -8.77 -4.40 -3.97
N LEU A 87 -9.83 -5.18 -3.85
CA LEU A 87 -10.15 -5.93 -2.63
C LEU A 87 -9.86 -7.42 -2.83
N ILE A 88 -9.36 -8.04 -1.78
CA ILE A 88 -9.10 -9.47 -1.73
C ILE A 88 -9.77 -10.02 -0.49
N LYS A 89 -10.62 -11.00 -0.70
CA LYS A 89 -11.28 -11.70 0.41
C LYS A 89 -10.42 -12.91 0.74
N LEU A 90 -10.16 -13.09 2.01
CA LEU A 90 -9.48 -14.29 2.54
C LEU A 90 -10.42 -15.47 2.65
N LYS A 91 -9.87 -16.66 2.45
CA LYS A 91 -10.65 -17.93 2.49
C LYS A 91 -11.20 -18.15 3.91
N SER A 92 -10.44 -17.69 4.90
CA SER A 92 -10.84 -17.80 6.32
C SER A 92 -10.39 -16.53 7.02
N ALA A 93 -11.09 -16.16 8.07
CA ALA A 93 -10.76 -14.93 8.81
C ALA A 93 -9.40 -15.09 9.48
N ALA A 94 -8.64 -14.01 9.49
CA ALA A 94 -7.38 -13.92 10.25
C ALA A 94 -7.70 -13.88 11.75
N SER A 95 -6.78 -14.37 12.55
CA SER A 95 -6.84 -14.25 14.02
C SER A 95 -6.20 -12.92 14.36
N LEU A 96 -6.97 -11.96 14.86
CA LEU A 96 -6.46 -10.59 15.11
C LEU A 96 -5.86 -10.56 16.50
N ASN A 97 -4.73 -9.88 16.66
CA ASN A 97 -3.93 -9.81 17.91
C ASN A 97 -3.10 -8.52 17.82
N SER A 98 -2.14 -8.30 18.72
CA SER A 98 -1.35 -7.04 18.74
C SER A 98 -0.45 -6.94 17.49
N ARG A 99 -0.08 -8.08 16.86
CA ARG A 99 0.88 -8.18 15.71
C ARG A 99 0.16 -8.36 14.38
N VAL A 100 -1.12 -8.70 14.40
CA VAL A 100 -1.97 -8.80 13.19
C VAL A 100 -3.27 -8.08 13.53
N ALA A 101 -3.47 -6.93 12.93
CA ALA A 101 -4.59 -6.04 13.30
C ALA A 101 -5.05 -5.33 12.05
N SER A 102 -6.32 -5.00 11.97
CA SER A 102 -6.88 -4.27 10.82
C SER A 102 -6.58 -2.78 11.03
N ILE A 103 -6.56 -2.05 9.94
CA ILE A 103 -6.40 -0.57 9.91
C ILE A 103 -7.78 -0.02 9.53
N SER A 104 -8.16 1.08 10.14
CA SER A 104 -9.48 1.71 9.90
C SER A 104 -9.47 2.44 8.57
N LEU A 105 -10.60 2.41 7.92
CA LEU A 105 -10.85 3.25 6.74
C LEU A 105 -11.08 4.68 7.20
N PRO A 106 -10.77 5.66 6.35
CA PRO A 106 -10.89 7.05 6.74
C PRO A 106 -12.36 7.45 6.72
N THR A 107 -12.75 8.38 7.57
CA THR A 107 -14.05 9.09 7.51
C THR A 107 -13.87 10.37 6.72
N SER A 108 -12.62 10.81 6.57
CA SER A 108 -12.29 12.09 5.93
C SER A 108 -11.02 11.91 5.11
N CYS A 109 -10.89 12.72 4.06
CA CYS A 109 -9.65 12.77 3.25
C CYS A 109 -8.61 13.59 4.00
N ALA A 110 -7.39 13.10 4.03
CA ALA A 110 -6.27 13.80 4.66
C ALA A 110 -5.86 15.00 3.83
N SER A 111 -5.48 16.07 4.53
CA SER A 111 -4.98 17.32 3.90
C SER A 111 -3.50 17.20 3.55
N ALA A 112 -3.09 18.00 2.57
CA ALA A 112 -1.67 18.26 2.31
C ALA A 112 -1.03 18.73 3.62
N GLY A 113 0.17 18.23 3.89
CA GLY A 113 0.93 18.59 5.10
C GLY A 113 0.81 17.53 6.14
N THR A 114 -0.20 16.66 6.04
CA THR A 114 -0.38 15.53 6.97
C THR A 114 0.79 14.58 6.82
N GLN A 115 1.35 14.16 7.95
CA GLN A 115 2.46 13.18 7.99
C GLN A 115 1.85 11.78 7.98
N CYS A 116 2.40 10.93 7.12
CA CYS A 116 1.91 9.56 6.96
C CYS A 116 3.06 8.58 7.06
N LEU A 117 2.70 7.33 7.27
CA LEU A 117 3.65 6.21 7.36
C LEU A 117 3.39 5.30 6.16
N ILE A 118 4.43 5.10 5.40
CA ILE A 118 4.41 4.23 4.21
C ILE A 118 5.31 3.04 4.53
N SER A 119 4.93 1.87 4.10
CA SER A 119 5.71 0.69 4.50
C SER A 119 5.72 -0.34 3.38
N GLY A 120 6.76 -1.16 3.35
CA GLY A 120 6.79 -2.22 2.35
C GLY A 120 8.15 -2.89 2.28
N TRP A 121 8.20 -3.92 1.42
CA TRP A 121 9.40 -4.74 1.22
C TRP A 121 9.99 -4.48 -0.16
N GLY A 122 9.65 -3.34 -0.74
CA GLY A 122 10.09 -2.97 -2.07
C GLY A 122 11.57 -2.60 -2.11
N ASN A 123 12.00 -2.30 -3.30
CA ASN A 123 13.41 -1.93 -3.56
C ASN A 123 13.85 -0.75 -2.70
N THR A 124 15.08 -0.80 -2.21
CA THR A 124 15.62 0.25 -1.33
C THR A 124 16.60 1.16 -2.07
N LYS A 125 16.84 0.94 -3.38
CA LYS A 125 17.80 1.74 -4.18
C LYS A 125 17.02 2.55 -5.22
N SER A 126 17.48 3.77 -5.52
CA SER A 126 16.90 4.66 -6.58
C SER A 126 17.56 4.33 -7.94
N SER A 127 18.76 3.74 -7.89
CA SER A 127 19.56 3.19 -9.02
C SER A 127 20.00 1.77 -8.65
N GLY A 128 19.81 0.82 -9.55
CA GLY A 128 20.02 -0.60 -9.25
C GLY A 128 18.98 -1.09 -8.25
N THR A 129 19.25 -2.24 -7.64
CA THR A 129 18.23 -3.11 -7.04
C THR A 129 18.81 -3.70 -5.77
N SER A 130 18.07 -3.59 -4.69
CA SER A 130 18.39 -4.31 -3.44
C SER A 130 17.09 -4.46 -2.69
N TYR A 131 16.62 -5.69 -2.60
CA TYR A 131 15.34 -5.99 -1.93
C TYR A 131 15.64 -6.43 -0.51
N PRO A 132 15.00 -5.77 0.46
CA PRO A 132 15.20 -6.11 1.86
C PRO A 132 14.30 -7.29 2.19
N ASP A 133 14.66 -7.96 3.24
CA ASP A 133 13.86 -9.13 3.69
C ASP A 133 12.94 -8.68 4.80
N VAL A 134 13.25 -7.54 5.44
CA VAL A 134 12.44 -7.05 6.57
C VAL A 134 11.72 -5.79 6.15
N LEU A 135 10.62 -5.54 6.82
CA LEU A 135 9.73 -4.44 6.46
C LEU A 135 10.42 -3.10 6.69
N LYS A 136 10.29 -2.22 5.70
CA LYS A 136 10.84 -0.85 5.75
C LYS A 136 9.69 0.14 5.88
N CYS A 137 10.00 1.25 6.51
CA CYS A 137 9.03 2.30 6.85
C CYS A 137 9.56 3.64 6.37
N LEU A 138 8.64 4.52 6.06
CA LEU A 138 9.04 5.88 5.69
C LEU A 138 7.97 6.81 6.21
N LYS A 139 8.36 7.85 6.89
CA LYS A 139 7.40 8.91 7.21
C LYS A 139 7.50 9.95 6.12
N ALA A 140 6.35 10.36 5.62
CA ALA A 140 6.33 11.31 4.51
C ALA A 140 5.05 12.13 4.58
N PRO A 141 5.11 13.40 4.18
CA PRO A 141 3.91 14.19 4.12
C PRO A 141 3.15 14.05 2.79
N ILE A 142 1.85 14.27 2.85
CA ILE A 142 1.01 14.46 1.66
C ILE A 142 1.41 15.82 1.08
N LEU A 143 1.59 15.87 -0.21
CA LEU A 143 1.89 17.11 -0.93
C LEU A 143 0.59 17.74 -1.42
N SER A 144 0.62 19.05 -1.59
CA SER A 144 -0.48 19.81 -2.21
C SER A 144 -0.82 19.22 -3.59
N ASP A 145 -2.09 19.29 -3.98
CA ASP A 145 -2.52 18.86 -5.34
C ASP A 145 -1.76 19.69 -6.36
N SER A 146 -1.51 20.97 -6.12
CA SER A 146 -0.81 21.82 -7.12
C SER A 146 0.65 21.35 -7.29
N SER A 147 1.35 20.91 -6.23
CA SER A 147 2.74 20.42 -6.37
C SER A 147 2.70 19.06 -7.07
N CYS A 148 1.69 18.26 -6.75
CA CYS A 148 1.53 16.92 -7.34
C CYS A 148 1.30 17.07 -8.84
N LYS A 149 0.35 17.94 -9.23
CA LYS A 149 0.02 18.17 -10.65
C LYS A 149 1.25 18.77 -11.36
N SER A 150 2.02 19.61 -10.70
CA SER A 150 3.19 20.26 -11.35
C SER A 150 4.27 19.22 -11.63
N ALA A 151 4.40 18.23 -10.74
CA ALA A 151 5.41 17.15 -10.86
C ALA A 151 5.01 16.17 -11.98
N TYR A 152 3.72 15.95 -12.17
CA TYR A 152 3.19 14.97 -13.15
C TYR A 152 2.08 15.60 -13.97
N PRO A 153 2.48 16.54 -14.84
CA PRO A 153 1.53 17.21 -15.68
C PRO A 153 0.67 16.22 -16.45
N GLY A 154 -0.65 16.44 -16.38
CA GLY A 154 -1.63 15.69 -17.17
C GLY A 154 -1.85 14.26 -16.68
N GLN A 155 -1.33 13.88 -15.53
CA GLN A 155 -1.40 12.46 -15.09
C GLN A 155 -2.12 12.29 -13.76
N ILE A 156 -2.37 13.36 -13.03
CA ILE A 156 -2.91 13.20 -11.65
C ILE A 156 -4.42 13.37 -11.76
N THR A 157 -5.15 12.34 -11.36
CA THR A 157 -6.62 12.46 -11.28
C THR A 157 -7.04 12.80 -9.86
N SER A 158 -8.33 13.00 -9.67
CA SER A 158 -8.90 13.34 -8.34
C SER A 158 -8.79 12.11 -7.43
N ASN A 159 -8.39 10.94 -7.96
CA ASN A 159 -8.29 9.70 -7.16
C ASN A 159 -6.84 9.38 -6.82
N MET A 160 -5.99 10.38 -6.93
CA MET A 160 -4.56 10.24 -6.65
C MET A 160 -4.11 11.39 -5.75
N PHE A 161 -3.11 11.10 -4.96
CA PHE A 161 -2.36 12.17 -4.26
C PHE A 161 -0.89 11.80 -4.29
N CYS A 162 -0.06 12.84 -4.14
CA CYS A 162 1.39 12.70 -4.02
C CYS A 162 1.77 12.74 -2.56
N ALA A 163 2.75 11.96 -2.19
CA ALA A 163 3.38 12.10 -0.87
C ALA A 163 4.85 11.85 -1.03
N GLY A 164 5.62 12.47 -0.19
CA GLY A 164 7.06 12.29 -0.21
C GLY A 164 7.73 13.64 -0.22
N TYR A 165 8.83 13.71 -0.95
CA TYR A 165 9.84 14.78 -0.85
C TYR A 165 10.22 15.18 -2.25
N LEU A 166 9.98 16.42 -2.63
CA LEU A 166 10.34 16.91 -3.97
C LEU A 166 11.86 16.89 -4.14
N GLU A 167 12.63 16.91 -3.05
CA GLU A 167 14.12 16.91 -3.12
C GLU A 167 14.61 15.51 -3.51
N GLY A 168 13.76 14.48 -3.49
CA GLY A 168 14.13 13.10 -3.76
C GLY A 168 14.72 12.41 -2.52
N GLY A 169 15.25 11.21 -2.71
CA GLY A 169 16.05 10.49 -1.69
C GLY A 169 15.20 9.57 -0.84
N LYS A 170 13.90 9.82 -0.77
CA LYS A 170 12.99 9.12 0.18
C LYS A 170 11.67 8.90 -0.56
N ASP A 171 11.32 7.62 -0.78
CA ASP A 171 10.14 7.30 -1.59
C ASP A 171 9.80 5.82 -1.42
N SER A 172 8.60 5.47 -1.86
CA SER A 172 8.27 4.06 -2.09
C SER A 172 8.84 3.70 -3.48
N CYS A 173 8.74 2.42 -3.81
CA CYS A 173 9.41 1.87 -4.99
C CYS A 173 8.76 0.54 -5.40
N GLN A 174 9.23 0.00 -6.50
CA GLN A 174 8.81 -1.32 -7.01
C GLN A 174 8.82 -2.31 -5.83
N GLY A 175 7.74 -3.08 -5.67
CA GLY A 175 7.65 -4.10 -4.62
C GLY A 175 6.92 -3.55 -3.41
N ASP A 176 6.80 -2.23 -3.31
CA ASP A 176 5.97 -1.60 -2.27
C ASP A 176 4.52 -1.48 -2.76
N SER A 177 4.31 -1.67 -4.06
CA SER A 177 2.99 -1.61 -4.72
C SER A 177 1.89 -2.19 -3.85
N GLY A 178 0.77 -1.51 -3.73
CA GLY A 178 -0.42 -2.03 -3.01
C GLY A 178 -0.35 -1.78 -1.53
N GLY A 179 0.81 -1.35 -1.02
CA GLY A 179 1.00 -1.22 0.43
C GLY A 179 0.34 0.04 0.97
N PRO A 180 0.33 0.15 2.29
CA PRO A 180 -0.41 1.22 2.93
C PRO A 180 0.31 2.56 3.05
N VAL A 181 -0.51 3.62 3.04
CA VAL A 181 -0.08 4.94 3.51
C VAL A 181 -1.06 5.28 4.62
N VAL A 182 -0.56 5.36 5.86
CA VAL A 182 -1.43 5.49 7.05
C VAL A 182 -1.16 6.84 7.67
N CYS A 183 -2.22 7.58 7.89
CA CYS A 183 -2.08 8.93 8.44
C CYS A 183 -3.05 9.00 9.60
N SER A 184 -2.58 9.37 10.79
CA SER A 184 -3.45 9.54 11.98
C SER A 184 -4.25 8.27 12.23
N GLY A 185 -3.65 7.10 11.96
CA GLY A 185 -4.23 5.78 12.29
C GLY A 185 -5.32 5.34 11.33
N LYS A 186 -5.39 5.96 10.15
CA LYS A 186 -6.38 5.61 9.10
C LYS A 186 -5.66 5.35 7.80
N LEU A 187 -6.18 4.42 7.00
CA LEU A 187 -5.64 4.13 5.68
C LEU A 187 -6.05 5.24 4.71
N GLN A 188 -5.11 6.04 4.27
CA GLN A 188 -5.41 7.14 3.34
C GLN A 188 -4.93 6.85 1.93
N GLY A 189 -3.92 6.00 1.78
CA GLY A 189 -3.37 5.77 0.44
C GLY A 189 -2.95 4.35 0.24
N ILE A 190 -2.75 4.06 -1.03
CA ILE A 190 -2.22 2.77 -1.52
C ILE A 190 -1.07 3.12 -2.44
N VAL A 191 0.04 2.42 -2.25
CA VAL A 191 1.22 2.66 -3.13
C VAL A 191 0.81 2.30 -4.56
N SER A 192 0.88 3.29 -5.44
CA SER A 192 0.34 3.10 -6.81
C SER A 192 1.45 3.23 -7.86
N TRP A 193 2.02 4.41 -8.00
CA TRP A 193 3.01 4.64 -9.06
C TRP A 193 3.98 5.79 -8.76
N GLY A 194 4.90 5.98 -9.70
CA GLY A 194 5.87 7.08 -9.65
C GLY A 194 6.81 6.92 -10.82
N SER A 195 7.54 7.97 -11.13
CA SER A 195 8.54 7.98 -12.19
C SER A 195 9.84 7.61 -11.51
N GLY A 196 10.34 6.40 -11.73
CA GLY A 196 11.48 5.86 -10.99
C GLY A 196 11.16 5.80 -9.52
N CYS A 197 12.19 5.94 -8.69
CA CYS A 197 12.04 5.95 -7.23
C CYS A 197 12.97 7.01 -6.66
N ALA A 198 12.40 7.87 -5.83
CA ALA A 198 13.17 8.80 -4.97
C ALA A 198 13.88 9.83 -5.87
N GLN A 199 13.40 10.04 -7.08
CA GLN A 199 13.95 11.07 -7.98
C GLN A 199 13.49 12.46 -7.56
N LYS A 200 14.33 13.46 -7.80
CA LYS A 200 14.00 14.88 -7.63
C LYS A 200 12.72 15.20 -8.42
N ASN A 201 11.80 15.92 -7.80
CA ASN A 201 10.55 16.45 -8.40
C ASN A 201 9.65 15.33 -8.91
N LYS A 202 9.80 14.10 -8.41
CA LYS A 202 8.96 12.96 -8.87
C LYS A 202 8.55 12.15 -7.64
N PRO A 203 7.66 12.73 -6.82
CA PRO A 203 7.22 12.03 -5.62
C PRO A 203 6.37 10.81 -5.96
N GLY A 204 6.06 10.02 -4.93
CA GLY A 204 5.20 8.87 -5.09
C GLY A 204 3.77 9.32 -5.28
N VAL A 205 3.04 8.57 -6.08
CA VAL A 205 1.61 8.79 -6.32
C VAL A 205 0.85 7.60 -5.70
N TYR A 206 -0.24 7.94 -5.04
CA TYR A 206 -0.96 7.02 -4.15
C TYR A 206 -2.42 7.09 -4.49
N THR A 207 -3.06 5.94 -4.47
CA THR A 207 -4.53 5.91 -4.61
C THR A 207 -5.17 6.59 -3.41
N LYS A 208 -6.13 7.46 -3.67
CA LYS A 208 -6.80 8.26 -2.63
C LYS A 208 -7.97 7.43 -2.06
N VAL A 209 -7.67 6.68 -1.00
CA VAL A 209 -8.63 5.69 -0.43
C VAL A 209 -9.93 6.37 0.01
N CYS A 210 -9.87 7.60 0.53
CA CYS A 210 -11.11 8.25 1.04
C CYS A 210 -12.17 8.35 -0.06
N ASN A 211 -11.80 8.32 -1.34
CA ASN A 211 -12.80 8.37 -2.42
C ASN A 211 -13.51 7.03 -2.57
N TYR A 212 -13.00 5.96 -1.93
CA TYR A 212 -13.46 4.58 -2.25
C TYR A 212 -14.19 3.92 -1.09
N VAL A 213 -14.36 4.62 0.02
CA VAL A 213 -14.92 3.99 1.25
C VAL A 213 -16.31 3.43 0.97
N SER A 214 -17.19 4.12 0.27
CA SER A 214 -18.56 3.59 0.07
C SER A 214 -18.46 2.33 -0.80
N TRP A 215 -17.61 2.34 -1.82
CA TRP A 215 -17.41 1.15 -2.69
C TRP A 215 -16.88 0.00 -1.84
N ILE A 216 -15.89 0.27 -1.00
CA ILE A 216 -15.29 -0.78 -0.15
C ILE A 216 -16.37 -1.34 0.78
N LYS A 217 -17.07 -0.49 1.48
CA LYS A 217 -18.05 -0.97 2.47
C LYS A 217 -19.15 -1.75 1.77
N GLN A 218 -19.65 -1.26 0.65
CA GLN A 218 -20.77 -1.94 -0.05
C GLN A 218 -20.27 -3.29 -0.59
N THR A 219 -19.03 -3.31 -1.08
CA THR A 219 -18.48 -4.54 -1.66
C THR A 219 -18.36 -5.61 -0.57
N ILE A 220 -17.78 -5.25 0.56
CA ILE A 220 -17.53 -6.18 1.68
C ILE A 220 -18.87 -6.69 2.18
N ALA A 221 -19.90 -5.86 2.20
CA ALA A 221 -21.22 -6.23 2.77
C ALA A 221 -21.91 -7.31 1.95
N SER A 222 -21.55 -7.44 0.67
CA SER A 222 -22.31 -8.27 -0.30
C SER A 222 -21.47 -9.39 -0.86
N ASN A 223 -20.26 -9.60 -0.34
CA ASN A 223 -19.33 -10.60 -0.88
C ASN A 223 -18.71 -11.39 0.24
C1 RKX B . 5.84 0.07 -9.88
O1 RKX B . 5.64 0.55 -8.58
C2 RKX B . 6.13 1.79 -8.21
C3 RKX B . 7.01 2.64 -8.90
C4 RKX B . 7.38 3.85 -8.35
C5 RKX B . 6.92 4.24 -7.10
C6 RKX B . 6.00 3.41 -6.47
C7 RKX B . 5.62 2.20 -7.01
C8 RKX B . 7.31 5.53 -6.49
N1 RKX B . 8.20 6.28 -6.96
N2 RKX B . 6.74 5.86 -5.31
S DMS C . 9.30 -18.12 4.47
O DMS C . 7.85 -18.00 4.77
C1 DMS C . 9.49 -17.88 2.69
C2 DMS C . 9.67 -19.89 4.50
CA CA D . 8.34 -14.38 8.04
#